data_8EKX
#
_entry.id   8EKX
#
_cell.length_a   97.362
_cell.length_b   136.889
_cell.length_c   38.609
_cell.angle_alpha   90
_cell.angle_beta   90
_cell.angle_gamma   90
#
_symmetry.space_group_name_H-M   'P 21 21 2'
#
loop_
_entity.id
_entity.type
_entity.pdbx_description
1 polymer 'Maltose/maltodextrin-binding periplasmic protein,Induced myeloid leukemia cell differentiation protein Mcl-1'
2 branched alpha-D-glucopyranose-(1-4)-alpha-D-glucopyranose
3 non-polymer '(2~{R})-2-[5-[3-chloranyl-2-methyl-4-[2-(4-methylpiperazin-1-yl)ethoxy]phenyl]-6-(4-fluorophenyl)thieno[2,3-d]pyrimidin-4-yl]oxy-3-[2-[[2-(2-methoxyphenyl)pyrimidin-4-yl]methoxy]phenyl]propanoic acid'
4 water water
#
_entity_poly.entity_id   1
_entity_poly.type   'polypeptide(L)'
_entity_poly.pdbx_seq_one_letter_code
;MAHHHHHHENLYFQGKIEEGKLVIWINGDKGYNGLAEVGKKFEKDTGIKVTVEHPDKLEEKFPQVAATGDGPDIIFWAHD
RFGGYAQSGLLAEITPDKAFQDKLYPFTWDAVRYNGKLIAYPIAVEALSLIYNKDLLPNPPKTWEEIPALDKELKAKGKS
ALMFNLQEPYFTWPLIAADGGYAFKYENGKYDIKDVGVDNAGAKAGLTFLVDLIKNKHMNADTDYSIAEAAFNKGETAMT
INGPWAWSNIDTSKVNYGVTVLPTFKGQPSKPFVGVLSAGINAASPNKELAKEFLENYLLTDEGLEAVNKDKPLGAVALK
SYEEELAKDPRIAATMENAQKGEIMPNIPQMSAFWYAVRTAVINAASGRQTVDEALKDAQTGSELYRQSLEIISRYLREQ
ATGAADTAPMGASGATSRKALETLRRVGDGVQRNHETAFQGMLRKLDIKNEDDVKSLSRVMIHVFSDGVTNWGRIVTLIS
FGAFVAKHLKTINQESCIEPLAESITDVLVRTKRDWLVKQRGWDGFVEFFHV
;
_entity_poly.pdbx_strand_id   A
#
# COMPACT_ATOMS: atom_id res chain seq x y z
N LYS A 16 -10.91 2.70 -24.84
CA LYS A 16 -11.43 1.37 -24.56
C LYS A 16 -12.57 1.45 -23.54
N ILE A 17 -12.48 2.36 -22.55
CA ILE A 17 -13.57 2.55 -21.59
C ILE A 17 -14.77 3.20 -22.30
N GLU A 18 -15.98 2.66 -22.13
CA GLU A 18 -17.16 3.19 -22.81
C GLU A 18 -17.57 4.59 -22.33
N GLU A 19 -17.88 5.47 -23.28
CA GLU A 19 -18.34 6.83 -23.00
C GLU A 19 -19.83 6.77 -22.63
N GLY A 20 -20.25 7.62 -21.70
CA GLY A 20 -21.66 7.75 -21.36
C GLY A 20 -22.21 6.85 -20.28
N LYS A 21 -21.32 6.29 -19.48
CA LYS A 21 -21.70 5.49 -18.32
C LYS A 21 -20.58 5.64 -17.28
N LEU A 22 -20.82 5.17 -16.05
CA LEU A 22 -19.74 5.13 -15.06
C LEU A 22 -19.64 3.72 -14.53
N VAL A 23 -18.41 3.17 -14.53
CA VAL A 23 -18.12 1.87 -13.89
C VAL A 23 -17.26 2.17 -12.67
N ILE A 24 -17.69 1.69 -11.49
CA ILE A 24 -16.97 1.97 -10.24
C ILE A 24 -16.51 0.66 -9.63
N TRP A 25 -15.28 0.64 -9.10
CA TRP A 25 -14.78 -0.51 -8.35
C TRP A 25 -14.63 -0.11 -6.88
N ILE A 26 -15.13 -0.95 -5.99
CA ILE A 26 -15.02 -0.75 -4.55
C ILE A 26 -14.85 -2.11 -3.89
N ASN A 27 -14.13 -2.17 -2.78
CA ASN A 27 -13.88 -3.46 -2.12
C ASN A 27 -15.16 -4.09 -1.60
N GLY A 28 -15.18 -5.42 -1.60
CA GLY A 28 -16.36 -6.16 -1.18
C GLY A 28 -16.75 -6.05 0.28
N ASP A 29 -15.88 -5.47 1.11
CA ASP A 29 -16.21 -5.27 2.52
C ASP A 29 -16.89 -3.90 2.76
N LYS A 30 -17.05 -3.09 1.71
CA LYS A 30 -17.65 -1.76 1.82
C LYS A 30 -19.12 -1.76 1.37
N GLY A 31 -19.81 -0.64 1.58
CA GLY A 31 -21.23 -0.52 1.28
C GLY A 31 -21.52 -0.35 -0.20
N TYR A 32 -21.23 -1.38 -1.00
CA TYR A 32 -21.42 -1.26 -2.44
C TYR A 32 -22.88 -1.18 -2.87
N ASN A 33 -23.80 -1.74 -2.10
CA ASN A 33 -25.24 -1.64 -2.44
C ASN A 33 -25.72 -0.20 -2.13
N GLY A 34 -25.23 0.39 -1.05
CA GLY A 34 -25.53 1.79 -0.74
C GLY A 34 -24.94 2.70 -1.81
N LEU A 35 -23.72 2.39 -2.27
CA LEU A 35 -23.09 3.19 -3.35
C LEU A 35 -23.92 3.08 -4.65
N ALA A 36 -24.45 1.87 -4.95
CA ALA A 36 -25.29 1.71 -6.13
C ALA A 36 -26.57 2.54 -6.01
N GLU A 37 -27.08 2.78 -4.79
CA GLU A 37 -28.28 3.63 -4.59
C GLU A 37 -27.94 5.07 -5.00
N VAL A 38 -26.72 5.54 -4.65
CA VAL A 38 -26.25 6.86 -5.07
C VAL A 38 -26.15 6.87 -6.61
N GLY A 39 -25.68 5.78 -7.20
CA GLY A 39 -25.61 5.65 -8.66
C GLY A 39 -26.98 5.73 -9.32
N LYS A 40 -28.00 5.15 -8.69
CA LYS A 40 -29.36 5.23 -9.21
C LYS A 40 -29.89 6.65 -9.15
N LYS A 41 -29.56 7.41 -8.10
CA LYS A 41 -29.96 8.81 -7.96
C LYS A 41 -29.31 9.66 -9.08
N PHE A 42 -28.04 9.38 -9.35
CA PHE A 42 -27.33 10.02 -10.45
C PHE A 42 -28.01 9.73 -11.80
N GLU A 43 -28.39 8.48 -12.05
CA GLU A 43 -29.04 8.08 -13.29
C GLU A 43 -30.40 8.76 -13.46
N LYS A 44 -31.12 8.95 -12.36
CA LYS A 44 -32.44 9.60 -12.39
C LYS A 44 -32.33 11.01 -12.99
N ASP A 45 -31.26 11.74 -12.65
CA ASP A 45 -31.05 13.08 -13.20
C ASP A 45 -30.45 13.12 -14.59
N THR A 46 -29.41 12.34 -14.82
CA THR A 46 -28.60 12.46 -16.03
C THR A 46 -28.84 11.44 -17.12
N GLY A 47 -29.51 10.34 -16.78
CA GLY A 47 -29.69 9.22 -17.69
C GLY A 47 -28.42 8.40 -17.88
N ILE A 48 -27.39 8.63 -17.04
CA ILE A 48 -26.14 7.90 -17.14
C ILE A 48 -26.19 6.75 -16.17
N LYS A 49 -26.05 5.53 -16.69
CA LYS A 49 -26.09 4.34 -15.85
C LYS A 49 -24.78 4.22 -15.10
N VAL A 50 -24.85 3.89 -13.81
CA VAL A 50 -23.70 3.70 -12.94
C VAL A 50 -23.68 2.23 -12.54
N THR A 51 -22.57 1.53 -12.79
CA THR A 51 -22.43 0.13 -12.45
C THR A 51 -21.39 0.03 -11.36
N VAL A 52 -21.74 -0.55 -10.22
CA VAL A 52 -20.79 -0.72 -9.12
C VAL A 52 -20.36 -2.17 -9.08
N GLU A 53 -19.05 -2.41 -9.13
CA GLU A 53 -18.52 -3.75 -9.07
C GLU A 53 -17.58 -3.87 -7.87
N HIS A 54 -17.39 -5.09 -7.38
CA HIS A 54 -16.48 -5.34 -6.27
C HIS A 54 -15.60 -6.55 -6.58
N PRO A 55 -14.77 -6.44 -7.63
CA PRO A 55 -13.92 -7.58 -8.00
C PRO A 55 -12.93 -7.96 -6.92
N ASP A 56 -12.53 -9.24 -6.89
CA ASP A 56 -11.50 -9.69 -5.97
C ASP A 56 -10.17 -9.04 -6.36
N LYS A 57 -9.31 -8.73 -5.36
CA LYS A 57 -7.97 -8.16 -5.60
C LYS A 57 -8.01 -6.93 -6.50
N LEU A 58 -9.05 -6.06 -6.34
CA LEU A 58 -9.18 -4.91 -7.24
C LEU A 58 -7.99 -3.95 -7.18
N GLU A 59 -7.34 -3.87 -6.01
CA GLU A 59 -6.18 -2.99 -5.85
C GLU A 59 -4.95 -3.48 -6.61
N GLU A 60 -4.90 -4.80 -6.93
CA GLU A 60 -3.83 -5.37 -7.74
C GLU A 60 -4.25 -5.31 -9.21
N LYS A 61 -5.54 -5.55 -9.52
CA LYS A 61 -6.02 -5.49 -10.90
C LYS A 61 -5.97 -4.12 -11.50
N PHE A 62 -6.36 -3.08 -10.73
CA PHE A 62 -6.41 -1.73 -11.25
C PHE A 62 -5.14 -1.27 -11.95
N PRO A 63 -3.94 -1.35 -11.33
CA PRO A 63 -2.75 -0.87 -12.01
C PRO A 63 -2.42 -1.65 -13.29
N GLN A 64 -2.85 -2.91 -13.37
CA GLN A 64 -2.58 -3.70 -14.56
C GLN A 64 -3.51 -3.32 -15.71
N VAL A 65 -4.82 -3.21 -15.43
CA VAL A 65 -5.77 -2.90 -16.48
C VAL A 65 -5.77 -1.42 -16.87
N ALA A 66 -5.61 -0.51 -15.91
CA ALA A 66 -5.58 0.92 -16.22
C ALA A 66 -4.34 1.26 -17.06
N ALA A 67 -3.23 0.51 -16.93
CA ALA A 67 -2.02 0.77 -17.71
C ALA A 67 -2.25 0.53 -19.23
N THR A 68 -3.26 -0.29 -19.58
CA THR A 68 -3.63 -0.54 -20.96
C THR A 68 -4.82 0.32 -21.42
N GLY A 69 -5.26 1.29 -20.61
CA GLY A 69 -6.39 2.14 -20.96
C GLY A 69 -7.75 1.55 -20.62
N ASP A 70 -7.77 0.46 -19.85
CA ASP A 70 -8.99 -0.20 -19.46
C ASP A 70 -9.28 0.11 -17.97
N GLY A 71 -10.18 -0.68 -17.36
CA GLY A 71 -10.49 -0.51 -15.95
C GLY A 71 -11.73 0.30 -15.72
N PRO A 72 -12.05 0.51 -14.44
CA PRO A 72 -13.22 1.31 -14.11
C PRO A 72 -12.98 2.80 -14.30
N ASP A 73 -14.06 3.58 -14.38
CA ASP A 73 -13.94 5.03 -14.43
C ASP A 73 -13.48 5.55 -13.07
N ILE A 74 -13.96 4.93 -11.98
CA ILE A 74 -13.65 5.37 -10.61
C ILE A 74 -13.21 4.15 -9.79
N ILE A 75 -12.13 4.31 -9.02
CA ILE A 75 -11.65 3.25 -8.14
C ILE A 75 -11.67 3.75 -6.72
N PHE A 76 -12.22 2.95 -5.80
CA PHE A 76 -12.20 3.27 -4.38
C PHE A 76 -11.21 2.37 -3.70
N TRP A 77 -10.37 2.93 -2.88
CA TRP A 77 -9.49 2.15 -2.02
C TRP A 77 -8.96 3.12 -0.95
N ALA A 78 -8.30 2.58 0.10
CA ALA A 78 -7.61 3.48 1.05
C ALA A 78 -6.49 4.23 0.28
N HIS A 79 -6.19 5.43 0.70
CA HIS A 79 -5.28 6.31 0.00
C HIS A 79 -3.86 5.76 -0.19
N ASP A 80 -3.45 4.74 0.61
CA ASP A 80 -2.05 4.28 0.52
C ASP A 80 -1.66 3.76 -0.86
N ARG A 81 -2.58 3.18 -1.60
CA ARG A 81 -2.26 2.64 -2.92
C ARG A 81 -2.20 3.70 -4.03
N PHE A 82 -2.75 4.89 -3.80
CA PHE A 82 -2.94 5.88 -4.84
C PHE A 82 -1.69 6.59 -5.31
N GLY A 83 -0.66 6.70 -4.48
CA GLY A 83 0.58 7.31 -4.93
C GLY A 83 1.24 6.49 -6.03
N GLY A 84 1.24 5.17 -5.86
CA GLY A 84 1.76 4.27 -6.89
C GLY A 84 0.97 4.41 -8.19
N TYR A 85 -0.38 4.49 -8.08
CA TYR A 85 -1.20 4.64 -9.30
C TYR A 85 -0.89 5.98 -9.99
N ALA A 86 -0.73 7.05 -9.21
CA ALA A 86 -0.47 8.40 -9.73
C ALA A 86 0.90 8.46 -10.38
N GLN A 87 1.91 7.82 -9.75
CA GLN A 87 3.27 7.75 -10.28
C GLN A 87 3.27 7.08 -11.66
N SER A 88 2.42 6.06 -11.86
CA SER A 88 2.29 5.35 -13.13
C SER A 88 1.40 6.04 -14.17
N GLY A 89 0.89 7.25 -13.86
CA GLY A 89 0.05 8.03 -14.75
C GLY A 89 -1.36 7.48 -14.92
N LEU A 90 -1.84 6.75 -13.91
CA LEU A 90 -3.15 6.10 -13.99
C LEU A 90 -4.31 6.90 -13.42
N LEU A 91 -4.03 8.01 -12.74
CA LEU A 91 -5.11 8.81 -12.14
C LEU A 91 -5.20 10.22 -12.71
N ALA A 92 -6.42 10.72 -12.85
CA ALA A 92 -6.60 12.10 -13.30
C ALA A 92 -6.41 13.03 -12.10
N GLU A 93 -5.83 14.21 -12.34
CA GLU A 93 -5.68 15.20 -11.28
C GLU A 93 -7.07 15.73 -10.93
N ILE A 94 -7.34 15.90 -9.63
CA ILE A 94 -8.65 16.42 -9.26
C ILE A 94 -8.44 17.87 -8.78
N THR A 95 -9.33 18.76 -9.24
CA THR A 95 -9.21 20.18 -8.96
C THR A 95 -10.55 20.73 -8.48
N PRO A 96 -10.94 20.36 -7.27
CA PRO A 96 -12.20 20.88 -6.73
C PRO A 96 -12.05 22.36 -6.42
N ASP A 97 -13.17 23.10 -6.54
CA ASP A 97 -13.11 24.52 -6.18
C ASP A 97 -12.95 24.68 -4.66
N LYS A 98 -12.57 25.88 -4.21
CA LYS A 98 -12.36 26.15 -2.79
C LYS A 98 -13.61 25.85 -1.96
N ALA A 99 -14.80 26.21 -2.47
CA ALA A 99 -16.04 25.95 -1.74
C ALA A 99 -16.23 24.46 -1.46
N PHE A 100 -15.90 23.60 -2.46
CA PHE A 100 -16.01 22.17 -2.23
C PHE A 100 -14.90 21.71 -1.29
N GLN A 101 -13.64 22.14 -1.54
CA GLN A 101 -12.52 21.68 -0.71
C GLN A 101 -12.75 21.97 0.79
N ASP A 102 -13.30 23.15 1.07
CA ASP A 102 -13.57 23.55 2.45
C ASP A 102 -14.62 22.70 3.14
N LYS A 103 -15.43 21.92 2.40
CA LYS A 103 -16.43 21.06 3.01
C LYS A 103 -15.82 19.79 3.64
N LEU A 104 -14.58 19.42 3.29
CA LEU A 104 -13.93 18.23 3.85
C LEU A 104 -12.79 18.65 4.77
N TYR A 105 -12.44 17.82 5.75
CA TYR A 105 -11.34 18.14 6.65
C TYR A 105 -10.03 18.21 5.89
N PRO A 106 -9.22 19.25 6.15
CA PRO A 106 -7.94 19.39 5.43
C PRO A 106 -7.01 18.19 5.50
N PHE A 107 -6.93 17.50 6.67
CA PHE A 107 -6.04 16.34 6.76
C PHE A 107 -6.47 15.22 5.77
N THR A 108 -7.76 15.18 5.39
CA THR A 108 -8.20 14.15 4.44
C THR A 108 -7.69 14.48 3.03
N TRP A 109 -7.69 15.78 2.65
CA TRP A 109 -7.11 16.17 1.37
C TRP A 109 -5.59 15.92 1.37
N ASP A 110 -4.92 16.10 2.52
CA ASP A 110 -3.48 15.83 2.61
C ASP A 110 -3.18 14.35 2.27
N ALA A 111 -4.09 13.45 2.68
CA ALA A 111 -3.89 12.02 2.41
C ALA A 111 -3.90 11.68 0.92
N VAL A 112 -4.60 12.49 0.11
CA VAL A 112 -4.74 12.25 -1.32
C VAL A 112 -3.90 13.23 -2.18
N ARG A 113 -2.88 13.85 -1.57
CA ARG A 113 -2.00 14.74 -2.31
C ARG A 113 -0.72 13.97 -2.63
N TYR A 114 -0.30 14.04 -3.88
CA TYR A 114 0.90 13.34 -4.33
C TYR A 114 1.67 14.23 -5.28
N ASN A 115 2.94 14.50 -4.96
CA ASN A 115 3.76 15.40 -5.79
C ASN A 115 3.06 16.75 -6.05
N GLY A 116 2.45 17.27 -4.99
CA GLY A 116 1.77 18.56 -4.97
C GLY A 116 0.41 18.64 -5.62
N LYS A 117 -0.11 17.50 -6.13
CA LYS A 117 -1.40 17.51 -6.81
C LYS A 117 -2.40 16.60 -6.09
N LEU A 118 -3.69 16.95 -6.12
CA LEU A 118 -4.71 16.09 -5.52
C LEU A 118 -5.02 14.98 -6.55
N ILE A 119 -4.98 13.72 -6.10
CA ILE A 119 -5.17 12.60 -7.04
C ILE A 119 -6.38 11.73 -6.73
N ALA A 120 -7.22 12.15 -5.78
CA ALA A 120 -8.44 11.42 -5.45
C ALA A 120 -9.33 12.31 -4.56
N TYR A 121 -10.58 11.91 -4.37
CA TYR A 121 -11.48 12.56 -3.43
C TYR A 121 -11.45 11.71 -2.16
N PRO A 122 -11.21 12.32 -0.98
CA PRO A 122 -11.27 11.55 0.26
C PRO A 122 -12.72 11.31 0.64
N ILE A 123 -13.02 10.13 1.22
CA ILE A 123 -14.37 9.77 1.60
C ILE A 123 -14.53 9.59 3.11
N ALA A 124 -13.65 8.77 3.72
CA ALA A 124 -13.80 8.50 5.16
C ALA A 124 -12.52 8.01 5.77
N VAL A 125 -12.36 8.21 7.08
CA VAL A 125 -11.17 7.85 7.81
C VAL A 125 -11.43 6.56 8.55
N GLU A 126 -10.58 5.57 8.29
CA GLU A 126 -10.72 4.23 8.84
C GLU A 126 -9.57 3.91 9.77
N ALA A 127 -9.89 3.38 10.94
CA ALA A 127 -8.89 2.86 11.85
C ALA A 127 -9.48 1.63 12.50
N LEU A 128 -8.62 0.66 12.78
CA LEU A 128 -9.06 -0.54 13.48
C LEU A 128 -9.29 -0.20 14.94
N SER A 129 -10.23 -0.90 15.53
CA SER A 129 -10.46 -0.81 16.98
C SER A 129 -10.57 -2.23 17.56
N LEU A 130 -10.55 -2.30 18.92
CA LEU A 130 -10.81 -3.57 19.58
C LEU A 130 -12.33 -3.67 19.74
N ILE A 131 -12.94 -4.75 19.24
CA ILE A 131 -14.39 -4.93 19.36
C ILE A 131 -14.59 -6.08 20.33
N TYR A 132 -15.44 -5.90 21.36
CA TYR A 132 -15.55 -6.95 22.37
C TYR A 132 -16.98 -7.25 22.73
N ASN A 133 -17.22 -8.46 23.18
CA ASN A 133 -18.55 -8.91 23.54
C ASN A 133 -18.75 -8.63 25.02
N LYS A 134 -19.57 -7.65 25.34
CA LYS A 134 -19.83 -7.20 26.72
C LYS A 134 -20.51 -8.28 27.55
N ASP A 135 -21.20 -9.23 26.91
CA ASP A 135 -21.83 -10.32 27.64
C ASP A 135 -20.83 -11.34 28.12
N LEU A 136 -19.66 -11.46 27.46
CA LEU A 136 -18.58 -12.37 27.86
C LEU A 136 -17.51 -11.65 28.66
N LEU A 137 -17.21 -10.41 28.27
CA LEU A 137 -16.12 -9.64 28.83
C LEU A 137 -16.66 -8.25 29.11
N PRO A 138 -17.26 -8.03 30.30
CA PRO A 138 -17.84 -6.70 30.59
C PRO A 138 -16.83 -5.58 30.47
N ASN A 139 -15.56 -5.85 30.81
CA ASN A 139 -14.51 -4.85 30.64
C ASN A 139 -13.42 -5.41 29.76
N PRO A 140 -13.08 -4.71 28.69
CA PRO A 140 -12.02 -5.21 27.81
C PRO A 140 -10.65 -5.13 28.48
N PRO A 141 -9.70 -5.96 28.01
CA PRO A 141 -8.34 -5.88 28.53
C PRO A 141 -7.66 -4.61 28.05
N LYS A 142 -6.91 -3.99 28.93
CA LYS A 142 -6.17 -2.78 28.58
C LYS A 142 -4.83 -3.11 27.90
N THR A 143 -4.29 -4.32 28.15
CA THR A 143 -2.99 -4.71 27.61
C THR A 143 -3.07 -6.00 26.79
N TRP A 144 -2.15 -6.14 25.82
CA TRP A 144 -2.03 -7.39 25.08
C TRP A 144 -1.52 -8.49 26.02
N GLU A 145 -0.65 -8.14 26.98
CA GLU A 145 -0.02 -9.12 27.87
C GLU A 145 -1.01 -9.91 28.70
N GLU A 146 -2.16 -9.32 28.99
CA GLU A 146 -3.15 -10.06 29.81
C GLU A 146 -4.05 -10.98 28.99
N ILE A 147 -3.97 -10.94 27.64
CA ILE A 147 -4.85 -11.77 26.81
C ILE A 147 -4.59 -13.29 27.00
N PRO A 148 -3.34 -13.80 27.11
CA PRO A 148 -3.16 -15.23 27.40
C PRO A 148 -3.92 -15.72 28.66
N ALA A 149 -3.88 -14.97 29.78
CA ALA A 149 -4.62 -15.39 30.99
C ALA A 149 -6.13 -15.29 30.79
N LEU A 150 -6.58 -14.27 30.07
CA LEU A 150 -8.00 -14.12 29.79
C LEU A 150 -8.48 -15.29 28.90
N ASP A 151 -7.64 -15.71 27.95
CA ASP A 151 -7.99 -16.84 27.08
C ASP A 151 -8.11 -18.11 27.92
N LYS A 152 -7.19 -18.32 28.89
CA LYS A 152 -7.28 -19.50 29.75
C LYS A 152 -8.60 -19.50 30.55
N GLU A 153 -8.99 -18.34 31.09
CA GLU A 153 -10.24 -18.23 31.85
C GLU A 153 -11.45 -18.52 30.94
N LEU A 154 -11.43 -17.97 29.71
CA LEU A 154 -12.56 -18.17 28.79
C LEU A 154 -12.61 -19.61 28.23
N LYS A 155 -11.45 -20.23 27.97
CA LYS A 155 -11.41 -21.62 27.46
C LYS A 155 -12.07 -22.57 28.44
N ALA A 156 -11.94 -22.29 29.75
CA ALA A 156 -12.57 -23.10 30.80
C ALA A 156 -14.09 -23.00 30.79
N LYS A 157 -14.69 -22.02 30.07
CA LYS A 157 -16.14 -21.87 29.91
C LYS A 157 -16.58 -22.12 28.45
N GLY A 158 -15.71 -22.66 27.60
CA GLY A 158 -16.05 -22.96 26.22
C GLY A 158 -15.98 -21.81 25.26
N LYS A 159 -15.18 -20.79 25.60
CA LYS A 159 -15.03 -19.61 24.73
C LYS A 159 -13.53 -19.36 24.48
N SER A 160 -13.21 -18.41 23.63
CA SER A 160 -11.82 -17.98 23.45
C SER A 160 -11.77 -16.46 23.62
N ALA A 161 -10.58 -15.91 23.88
CA ALA A 161 -10.44 -14.47 24.08
C ALA A 161 -10.47 -13.65 22.81
N LEU A 162 -9.71 -14.04 21.78
CA LEU A 162 -9.53 -13.18 20.62
C LEU A 162 -9.32 -13.89 19.31
N MET A 163 -10.01 -13.41 18.27
CA MET A 163 -9.81 -13.91 16.91
C MET A 163 -9.87 -12.74 15.97
N PHE A 164 -8.86 -12.65 15.11
CA PHE A 164 -8.84 -11.62 14.07
C PHE A 164 -8.10 -12.13 12.84
N ASN A 165 -8.25 -11.42 11.72
CA ASN A 165 -7.64 -11.81 10.47
C ASN A 165 -6.12 -11.83 10.56
N LEU A 166 -5.51 -13.04 10.45
CA LEU A 166 -4.04 -13.14 10.44
C LEU A 166 -3.46 -13.24 9.04
N GLN A 167 -4.29 -13.08 7.99
CA GLN A 167 -3.81 -13.19 6.62
C GLN A 167 -3.50 -11.85 5.97
N GLU A 168 -3.94 -10.74 6.57
CA GLU A 168 -3.68 -9.42 6.06
C GLU A 168 -2.91 -8.65 7.09
N PRO A 169 -1.75 -8.11 6.72
CA PRO A 169 -0.88 -7.45 7.73
C PRO A 169 -1.46 -6.20 8.32
N TYR A 170 -2.46 -5.60 7.67
CA TYR A 170 -3.15 -4.43 8.20
C TYR A 170 -3.64 -4.69 9.66
N PHE A 171 -4.07 -5.93 9.95
CA PHE A 171 -4.63 -6.23 11.28
C PHE A 171 -3.57 -6.51 12.37
N THR A 172 -2.38 -6.97 11.96
CA THR A 172 -1.31 -7.25 12.93
C THR A 172 -0.37 -6.05 13.10
N TRP A 173 -0.35 -5.16 12.10
CA TRP A 173 0.49 -3.95 12.16
C TRP A 173 0.37 -3.16 13.45
N PRO A 174 -0.83 -2.96 14.04
CA PRO A 174 -0.90 -2.14 15.27
C PRO A 174 -0.01 -2.68 16.37
N LEU A 175 0.10 -4.01 16.46
CA LEU A 175 0.93 -4.68 17.48
C LEU A 175 2.42 -4.63 17.09
N ILE A 176 2.74 -4.79 15.77
CA ILE A 176 4.15 -4.68 15.34
C ILE A 176 4.69 -3.27 15.59
N ALA A 177 3.85 -2.25 15.36
CA ALA A 177 4.26 -0.86 15.50
C ALA A 177 4.31 -0.37 16.95
N ALA A 178 3.58 -1.04 17.87
CA ALA A 178 3.46 -0.54 19.24
C ALA A 178 4.79 -0.27 19.95
N ASP A 179 5.71 -1.23 19.93
CA ASP A 179 6.99 -1.08 20.62
C ASP A 179 8.11 -0.49 19.75
N GLY A 180 7.78 0.05 18.57
CA GLY A 180 8.79 0.72 17.77
C GLY A 180 8.95 0.33 16.32
N GLY A 181 8.18 -0.66 15.87
CA GLY A 181 8.23 -1.03 14.45
C GLY A 181 7.65 0.11 13.62
N TYR A 182 8.20 0.33 12.42
CA TYR A 182 7.68 1.36 11.53
C TYR A 182 7.95 0.99 10.08
N ALA A 183 7.16 1.55 9.18
CA ALA A 183 7.33 1.27 7.76
C ALA A 183 8.44 2.18 7.21
N PHE A 184 8.23 3.51 7.13
CA PHE A 184 9.20 4.50 6.66
C PHE A 184 9.23 5.57 7.74
N LYS A 185 10.42 5.92 8.24
CA LYS A 185 10.55 6.88 9.35
C LYS A 185 9.90 8.22 9.05
N TYR A 186 9.19 8.81 10.01
CA TYR A 186 8.60 10.14 9.80
C TYR A 186 9.06 11.07 10.92
N GLU A 187 9.82 12.12 10.56
CA GLU A 187 10.34 13.10 11.53
C GLU A 187 10.49 14.46 10.84
N ASN A 188 10.26 15.56 11.59
CA ASN A 188 10.35 16.94 11.08
C ASN A 188 9.49 17.14 9.83
N GLY A 189 8.25 16.65 9.88
CA GLY A 189 7.28 16.77 8.80
C GLY A 189 7.67 16.14 7.48
N LYS A 190 8.47 15.06 7.50
CA LYS A 190 8.88 14.41 6.26
C LYS A 190 9.24 12.93 6.44
N TYR A 191 9.13 12.15 5.34
CA TYR A 191 9.50 10.75 5.38
C TYR A 191 10.93 10.58 4.98
N ASP A 192 11.61 9.68 5.68
CA ASP A 192 12.93 9.29 5.27
C ASP A 192 12.65 7.95 4.66
N ILE A 193 12.37 7.92 3.35
CA ILE A 193 12.04 6.70 2.61
C ILE A 193 13.20 5.68 2.58
N LYS A 194 14.42 6.13 2.88
CA LYS A 194 15.56 5.23 2.99
C LYS A 194 15.61 4.56 4.40
N ASP A 195 14.74 4.97 5.35
CA ASP A 195 14.75 4.45 6.70
C ASP A 195 13.52 3.58 6.96
N VAL A 196 13.71 2.26 6.86
CA VAL A 196 12.65 1.27 7.05
C VAL A 196 12.83 0.61 8.42
N GLY A 197 11.72 0.41 9.14
CA GLY A 197 11.80 -0.13 10.50
C GLY A 197 11.01 -1.39 10.75
N VAL A 198 10.98 -2.29 9.77
CA VAL A 198 10.21 -3.53 9.94
C VAL A 198 10.99 -4.64 10.64
N ASP A 199 12.33 -4.50 10.77
CA ASP A 199 13.16 -5.52 11.41
C ASP A 199 13.94 -5.00 12.61
N ASN A 200 13.41 -4.00 13.30
CA ASN A 200 14.04 -3.50 14.52
C ASN A 200 13.52 -4.27 15.75
N ALA A 201 14.06 -3.96 16.94
CA ALA A 201 13.67 -4.67 18.16
C ALA A 201 12.20 -4.55 18.46
N GLY A 202 11.60 -3.40 18.15
CA GLY A 202 10.19 -3.18 18.43
C GLY A 202 9.31 -4.06 17.57
N ALA A 203 9.63 -4.11 16.27
CA ALA A 203 8.86 -4.96 15.34
C ALA A 203 9.01 -6.42 15.69
N LYS A 204 10.25 -6.84 16.06
CA LYS A 204 10.45 -8.24 16.48
C LYS A 204 9.63 -8.56 17.73
N ALA A 205 9.60 -7.65 18.72
CA ALA A 205 8.86 -7.90 19.94
C ALA A 205 7.37 -8.10 19.67
N GLY A 206 6.79 -7.25 18.82
CA GLY A 206 5.36 -7.39 18.54
C GLY A 206 5.05 -8.66 17.78
N LEU A 207 5.85 -8.97 16.75
CA LEU A 207 5.61 -10.19 15.98
C LEU A 207 5.85 -11.44 16.81
N THR A 208 6.86 -11.40 17.70
CA THR A 208 7.12 -12.53 18.59
C THR A 208 5.92 -12.72 19.55
N PHE A 209 5.31 -11.62 20.02
CA PHE A 209 4.13 -11.75 20.88
C PHE A 209 2.98 -12.48 20.13
N LEU A 210 2.77 -12.12 18.86
CA LEU A 210 1.73 -12.74 18.05
C LEU A 210 2.03 -14.22 17.84
N VAL A 211 3.28 -14.54 17.50
CA VAL A 211 3.67 -15.92 17.26
C VAL A 211 3.51 -16.77 18.52
N ASP A 212 3.83 -16.20 19.69
CA ASP A 212 3.69 -16.89 20.98
C ASP A 212 2.20 -17.12 21.30
N LEU A 213 1.28 -16.18 20.91
CA LEU A 213 -0.16 -16.43 21.10
C LEU A 213 -0.56 -17.67 20.32
N ILE A 214 0.01 -17.83 19.11
CA ILE A 214 -0.31 -18.99 18.26
C ILE A 214 0.31 -20.27 18.83
N LYS A 215 1.59 -20.21 19.22
CA LYS A 215 2.28 -21.36 19.81
C LYS A 215 1.57 -21.87 21.07
N ASN A 216 1.05 -20.96 21.88
CA ASN A 216 0.34 -21.28 23.12
C ASN A 216 -1.16 -21.58 22.92
N LYS A 217 -1.60 -21.71 21.66
CA LYS A 217 -2.95 -22.09 21.26
C LYS A 217 -4.03 -21.09 21.67
N HIS A 218 -3.64 -19.81 21.79
CA HIS A 218 -4.60 -18.73 22.03
C HIS A 218 -5.17 -18.23 20.69
N MET A 219 -4.44 -18.43 19.58
CA MET A 219 -4.88 -18.06 18.25
C MET A 219 -4.41 -19.14 17.27
N ASN A 220 -5.01 -19.16 16.07
CA ASN A 220 -4.67 -20.16 15.06
C ASN A 220 -4.17 -19.43 13.81
N ALA A 221 -3.00 -19.85 13.29
CA ALA A 221 -2.39 -19.17 12.13
C ALA A 221 -3.27 -19.08 10.90
N ASP A 222 -4.19 -20.01 10.74
CA ASP A 222 -5.06 -20.04 9.58
C ASP A 222 -6.26 -19.10 9.65
N THR A 223 -6.50 -18.46 10.81
CA THR A 223 -7.65 -17.57 10.94
C THR A 223 -7.61 -16.43 9.94
N ASP A 224 -8.72 -16.26 9.23
CA ASP A 224 -8.82 -15.23 8.22
C ASP A 224 -10.01 -14.30 8.56
N TYR A 225 -10.36 -13.39 7.63
CA TYR A 225 -11.42 -12.44 7.89
C TYR A 225 -12.76 -13.13 8.19
N SER A 226 -13.15 -14.06 7.33
CA SER A 226 -14.42 -14.74 7.45
C SER A 226 -14.50 -15.57 8.71
N ILE A 227 -13.43 -16.31 9.04
CA ILE A 227 -13.43 -17.14 10.24
C ILE A 227 -13.56 -16.31 11.51
N ALA A 228 -12.74 -15.25 11.64
CA ALA A 228 -12.81 -14.41 12.85
C ALA A 228 -14.18 -13.73 12.94
N GLU A 229 -14.74 -13.25 11.80
CA GLU A 229 -16.03 -12.58 11.82
C GLU A 229 -17.12 -13.56 12.28
N ALA A 230 -17.11 -14.78 11.76
CA ALA A 230 -18.14 -15.76 12.10
C ALA A 230 -18.05 -16.11 13.59
N ALA A 231 -16.83 -16.27 14.12
CA ALA A 231 -16.67 -16.64 15.51
C ALA A 231 -17.13 -15.55 16.45
N PHE A 232 -16.80 -14.28 16.15
CA PHE A 232 -17.22 -13.19 17.01
C PHE A 232 -18.74 -13.03 16.92
N ASN A 233 -19.30 -13.07 15.71
CA ASN A 233 -20.72 -12.82 15.53
C ASN A 233 -21.61 -13.97 16.04
N LYS A 234 -21.01 -15.16 16.23
CA LYS A 234 -21.71 -16.31 16.84
C LYS A 234 -21.55 -16.37 18.38
N GLY A 235 -20.74 -15.48 18.95
CA GLY A 235 -20.51 -15.43 20.39
C GLY A 235 -19.48 -16.44 20.89
N GLU A 236 -18.64 -17.00 19.98
CA GLU A 236 -17.65 -18.00 20.39
C GLU A 236 -16.37 -17.38 20.91
N THR A 237 -16.01 -16.21 20.40
CA THR A 237 -14.80 -15.51 20.85
C THR A 237 -15.22 -14.17 21.41
N ALA A 238 -14.56 -13.73 22.50
CA ALA A 238 -14.93 -12.51 23.23
C ALA A 238 -14.49 -11.24 22.54
N MET A 239 -13.48 -11.32 21.67
CA MET A 239 -12.93 -10.11 21.06
C MET A 239 -12.51 -10.33 19.62
N THR A 240 -12.48 -9.24 18.87
CA THR A 240 -11.94 -9.25 17.50
C THR A 240 -11.35 -7.85 17.24
N ILE A 241 -10.61 -7.72 16.14
CA ILE A 241 -10.01 -6.45 15.74
C ILE A 241 -10.53 -6.21 14.34
N ASN A 242 -11.19 -5.08 14.15
CA ASN A 242 -11.78 -4.80 12.85
C ASN A 242 -12.13 -3.34 12.73
N GLY A 243 -12.52 -2.94 11.51
CA GLY A 243 -12.88 -1.57 11.25
C GLY A 243 -14.37 -1.34 11.20
N PRO A 244 -14.76 -0.08 10.94
CA PRO A 244 -16.18 0.29 10.98
C PRO A 244 -17.10 -0.48 10.04
N TRP A 245 -16.56 -0.91 8.88
CA TRP A 245 -17.34 -1.65 7.89
C TRP A 245 -17.90 -2.96 8.50
N ALA A 246 -17.26 -3.51 9.56
CA ALA A 246 -17.69 -4.75 10.17
C ALA A 246 -18.90 -4.60 11.08
N TRP A 247 -19.20 -3.36 11.54
CA TRP A 247 -20.26 -3.17 12.51
C TRP A 247 -21.64 -3.58 12.05
N SER A 248 -21.95 -3.41 10.75
CA SER A 248 -23.25 -3.80 10.21
C SER A 248 -23.57 -5.30 10.46
N ASN A 249 -22.60 -6.20 10.20
CA ASN A 249 -22.84 -7.64 10.44
C ASN A 249 -22.93 -7.96 11.93
N ILE A 250 -22.19 -7.21 12.77
CA ILE A 250 -22.28 -7.43 14.22
C ILE A 250 -23.66 -7.00 14.70
N ASP A 251 -24.20 -5.88 14.15
CA ASP A 251 -25.55 -5.39 14.51
C ASP A 251 -26.58 -6.48 14.20
N THR A 252 -26.49 -7.11 13.02
CA THR A 252 -27.43 -8.18 12.64
C THR A 252 -27.32 -9.39 13.57
N SER A 253 -26.11 -9.71 14.05
CA SER A 253 -25.92 -10.86 14.93
C SER A 253 -26.54 -10.68 16.33
N LYS A 254 -26.79 -9.42 16.72
CA LYS A 254 -27.35 -9.05 18.03
C LYS A 254 -26.39 -9.24 19.19
N VAL A 255 -25.09 -9.44 18.92
CA VAL A 255 -24.08 -9.53 19.97
C VAL A 255 -24.04 -8.17 20.69
N ASN A 256 -23.96 -8.19 22.02
CA ASN A 256 -23.88 -6.98 22.81
C ASN A 256 -22.43 -6.52 22.78
N TYR A 257 -22.06 -5.77 21.73
CA TYR A 257 -20.66 -5.41 21.54
C TYR A 257 -20.31 -3.98 21.89
N GLY A 258 -19.05 -3.79 22.22
CA GLY A 258 -18.46 -2.48 22.42
C GLY A 258 -17.29 -2.29 21.46
N VAL A 259 -16.97 -1.04 21.15
CA VAL A 259 -15.82 -0.70 20.30
C VAL A 259 -14.94 0.16 21.17
N THR A 260 -13.65 -0.21 21.31
CA THR A 260 -12.78 0.49 22.24
C THR A 260 -11.34 0.60 21.77
N VAL A 261 -10.51 1.30 22.56
CA VAL A 261 -9.10 1.46 22.28
C VAL A 261 -8.41 0.08 22.23
N LEU A 262 -7.49 -0.08 21.28
CA LEU A 262 -6.73 -1.33 21.18
C LEU A 262 -5.86 -1.50 22.42
N PRO A 263 -5.53 -2.74 22.79
CA PRO A 263 -4.69 -2.93 23.98
C PRO A 263 -3.29 -2.35 23.78
N THR A 264 -2.63 -2.01 24.89
CA THR A 264 -1.25 -1.55 24.84
C THR A 264 -0.31 -2.75 24.79
N PHE A 265 0.90 -2.54 24.30
CA PHE A 265 1.93 -3.57 24.27
C PHE A 265 3.20 -2.94 24.84
N LYS A 266 3.79 -3.58 25.86
CA LYS A 266 4.94 -3.04 26.58
C LYS A 266 4.65 -1.61 27.11
N GLY A 267 3.39 -1.40 27.51
CA GLY A 267 2.91 -0.12 28.03
C GLY A 267 2.69 0.97 26.98
N GLN A 268 2.87 0.64 25.69
CA GLN A 268 2.72 1.62 24.62
C GLN A 268 1.47 1.36 23.82
N PRO A 269 0.81 2.40 23.28
CA PRO A 269 -0.41 2.15 22.52
C PRO A 269 -0.16 1.31 21.27
N SER A 270 -1.16 0.51 20.88
CA SER A 270 -1.10 -0.14 19.55
C SER A 270 -1.28 1.02 18.52
N LYS A 271 -0.57 0.96 17.40
CA LYS A 271 -0.55 2.07 16.44
C LYS A 271 -1.09 1.62 15.10
N PRO A 272 -2.40 1.67 14.92
CA PRO A 272 -2.96 1.23 13.63
C PRO A 272 -2.54 2.15 12.51
N PHE A 273 -2.38 1.59 11.31
CA PHE A 273 -2.09 2.41 10.14
C PHE A 273 -3.47 2.88 9.67
N VAL A 274 -3.67 4.19 9.64
CA VAL A 274 -4.94 4.82 9.33
C VAL A 274 -5.09 5.05 7.84
N GLY A 275 -6.21 4.58 7.29
CA GLY A 275 -6.48 4.75 5.88
C GLY A 275 -7.59 5.74 5.65
N VAL A 276 -7.50 6.47 4.55
CA VAL A 276 -8.56 7.36 4.13
C VAL A 276 -9.12 6.69 2.89
N LEU A 277 -10.33 6.11 2.99
CA LEU A 277 -11.00 5.55 1.79
C LEU A 277 -11.19 6.68 0.82
N SER A 278 -10.72 6.51 -0.39
CA SER A 278 -10.71 7.56 -1.39
C SER A 278 -11.16 7.07 -2.72
N ALA A 279 -11.61 8.01 -3.56
CA ALA A 279 -12.12 7.71 -4.91
C ALA A 279 -11.28 8.41 -5.94
N GLY A 280 -10.62 7.63 -6.78
CA GLY A 280 -9.78 8.18 -7.84
C GLY A 280 -10.44 8.00 -9.19
N ILE A 281 -10.12 8.88 -10.14
CA ILE A 281 -10.70 8.82 -11.47
C ILE A 281 -9.62 8.31 -12.42
N ASN A 282 -9.94 7.27 -13.17
CA ASN A 282 -8.99 6.65 -14.11
C ASN A 282 -8.59 7.67 -15.17
N ALA A 283 -7.29 7.83 -15.38
CA ALA A 283 -6.75 8.76 -16.38
C ALA A 283 -7.21 8.44 -17.80
N ALA A 284 -7.57 7.17 -18.07
CA ALA A 284 -8.05 6.72 -19.37
C ALA A 284 -9.58 6.87 -19.57
N SER A 285 -10.31 7.32 -18.53
CA SER A 285 -11.74 7.48 -18.63
C SER A 285 -12.11 8.61 -19.58
N PRO A 286 -13.06 8.38 -20.50
CA PRO A 286 -13.60 9.49 -21.28
C PRO A 286 -14.78 10.16 -20.53
N ASN A 287 -15.03 9.77 -19.26
CA ASN A 287 -16.15 10.26 -18.48
C ASN A 287 -15.72 11.04 -17.23
N LYS A 288 -14.55 11.70 -17.30
CA LYS A 288 -14.04 12.42 -16.13
C LYS A 288 -14.99 13.46 -15.58
N GLU A 289 -15.67 14.23 -16.45
CA GLU A 289 -16.57 15.25 -15.94
C GLU A 289 -17.79 14.62 -15.26
N LEU A 290 -18.29 13.51 -15.80
CA LEU A 290 -19.40 12.80 -15.15
C LEU A 290 -18.94 12.27 -13.80
N ALA A 291 -17.71 11.71 -13.73
CA ALA A 291 -17.18 11.16 -12.49
C ALA A 291 -17.03 12.25 -11.42
N LYS A 292 -16.55 13.44 -11.81
CA LYS A 292 -16.40 14.55 -10.85
C LYS A 292 -17.77 14.98 -10.33
N GLU A 293 -18.76 15.06 -11.23
CA GLU A 293 -20.10 15.46 -10.82
C GLU A 293 -20.71 14.43 -9.86
N PHE A 294 -20.52 13.14 -10.17
CA PHE A 294 -21.02 12.08 -9.29
C PHE A 294 -20.37 12.16 -7.90
N LEU A 295 -19.04 12.27 -7.86
CA LEU A 295 -18.35 12.27 -6.59
C LEU A 295 -18.64 13.51 -5.77
N GLU A 296 -18.58 14.70 -6.37
CA GLU A 296 -18.79 15.93 -5.61
C GLU A 296 -20.21 16.19 -5.23
N ASN A 297 -21.11 16.01 -6.18
CA ASN A 297 -22.47 16.49 -6.00
C ASN A 297 -23.50 15.43 -5.69
N TYR A 298 -23.11 14.14 -5.66
CA TYR A 298 -24.03 13.08 -5.29
C TYR A 298 -23.47 12.27 -4.12
N LEU A 299 -22.23 11.80 -4.25
CA LEU A 299 -21.66 10.98 -3.17
C LEU A 299 -21.26 11.80 -1.96
N LEU A 300 -20.43 12.84 -2.15
CA LEU A 300 -19.91 13.63 -1.04
C LEU A 300 -20.89 14.70 -0.59
N THR A 301 -22.07 14.22 -0.24
CA THR A 301 -23.17 15.02 0.33
C THR A 301 -23.68 14.24 1.55
N ASP A 302 -24.44 14.92 2.46
CA ASP A 302 -24.98 14.19 3.62
C ASP A 302 -25.81 12.97 3.19
N GLU A 303 -26.65 13.15 2.16
CA GLU A 303 -27.53 12.07 1.70
C GLU A 303 -26.77 10.93 1.01
N GLY A 304 -25.74 11.27 0.25
CA GLY A 304 -24.94 10.26 -0.46
C GLY A 304 -24.17 9.42 0.52
N LEU A 305 -23.45 10.06 1.45
CA LEU A 305 -22.69 9.30 2.44
C LEU A 305 -23.60 8.52 3.35
N GLU A 306 -24.79 9.06 3.68
CA GLU A 306 -25.72 8.33 4.53
C GLU A 306 -26.17 7.02 3.85
N ALA A 307 -26.37 7.05 2.54
CA ALA A 307 -26.75 5.84 1.79
C ALA A 307 -25.67 4.75 1.90
N VAL A 308 -24.40 5.14 1.74
CA VAL A 308 -23.34 4.14 1.84
C VAL A 308 -23.18 3.68 3.28
N ASN A 309 -23.19 4.64 4.22
CA ASN A 309 -22.99 4.38 5.63
C ASN A 309 -24.05 3.43 6.19
N LYS A 310 -25.30 3.54 5.71
CA LYS A 310 -26.37 2.65 6.18
C LYS A 310 -26.20 1.19 5.74
N ASP A 311 -25.46 0.97 4.65
CA ASP A 311 -25.19 -0.37 4.14
C ASP A 311 -24.02 -0.92 4.97
N LYS A 312 -22.84 -0.27 4.94
CA LYS A 312 -21.72 -0.66 5.82
C LYS A 312 -21.11 0.63 6.33
N PRO A 313 -20.99 0.83 7.65
CA PRO A 313 -20.42 2.09 8.15
C PRO A 313 -19.06 2.44 7.57
N LEU A 314 -18.91 3.71 7.19
CA LEU A 314 -17.69 4.24 6.59
C LEU A 314 -16.57 4.58 7.58
N GLY A 315 -16.95 4.87 8.81
CA GLY A 315 -16.00 5.39 9.80
C GLY A 315 -16.24 6.88 9.97
N ALA A 316 -15.17 7.64 10.20
CA ALA A 316 -15.27 9.09 10.38
C ALA A 316 -15.19 9.76 9.02
N VAL A 317 -16.33 10.18 8.50
CA VAL A 317 -16.38 10.68 7.14
C VAL A 317 -15.62 11.99 6.96
N ALA A 318 -15.14 12.21 5.75
CA ALA A 318 -14.33 13.39 5.44
C ALA A 318 -15.22 14.65 5.36
N LEU A 319 -16.52 14.49 5.08
CA LEU A 319 -17.44 15.58 4.92
C LEU A 319 -17.81 16.12 6.30
N LYS A 320 -17.41 17.36 6.58
CA LYS A 320 -17.65 17.93 7.91
C LYS A 320 -19.09 17.92 8.37
N SER A 321 -20.03 18.29 7.48
CA SER A 321 -21.44 18.37 7.88
C SER A 321 -21.99 17.05 8.40
N TYR A 322 -21.63 15.95 7.74
CA TYR A 322 -22.11 14.65 8.17
C TYR A 322 -21.30 14.11 9.36
N GLU A 323 -19.99 14.38 9.38
CA GLU A 323 -19.15 13.89 10.48
C GLU A 323 -19.56 14.50 11.82
N GLU A 324 -20.06 15.73 11.82
CA GLU A 324 -20.53 16.38 13.06
C GLU A 324 -21.63 15.54 13.74
N GLU A 325 -22.44 14.82 12.96
CA GLU A 325 -23.46 13.93 13.47
C GLU A 325 -22.86 12.57 13.85
N LEU A 326 -22.06 11.97 12.95
CA LEU A 326 -21.44 10.68 13.26
C LEU A 326 -20.50 10.71 14.48
N ALA A 327 -19.85 11.83 14.75
CA ALA A 327 -18.90 11.93 15.88
C ALA A 327 -19.55 11.73 17.27
N LYS A 328 -20.87 11.90 17.34
CA LYS A 328 -21.60 11.67 18.58
C LYS A 328 -21.69 10.16 18.95
N ASP A 329 -21.43 9.27 17.98
CA ASP A 329 -21.51 7.85 18.20
C ASP A 329 -20.23 7.41 18.92
N PRO A 330 -20.39 6.75 20.08
CA PRO A 330 -19.19 6.29 20.82
C PRO A 330 -18.28 5.36 20.00
N ARG A 331 -18.84 4.63 19.03
CA ARG A 331 -18.01 3.75 18.19
C ARG A 331 -17.07 4.60 17.30
N ILE A 332 -17.55 5.76 16.84
CA ILE A 332 -16.75 6.69 16.03
C ILE A 332 -15.71 7.37 16.90
N ALA A 333 -16.07 7.73 18.16
CA ALA A 333 -15.09 8.31 19.06
C ALA A 333 -13.97 7.32 19.33
N ALA A 334 -14.29 6.02 19.47
CA ALA A 334 -13.26 5.00 19.69
C ALA A 334 -12.39 4.83 18.44
N THR A 335 -13.01 4.93 17.26
CA THR A 335 -12.29 4.84 15.99
C THR A 335 -11.27 5.98 15.89
N MET A 336 -11.69 7.22 16.25
CA MET A 336 -10.78 8.36 16.19
C MET A 336 -9.74 8.31 17.30
N GLU A 337 -10.05 7.74 18.45
CA GLU A 337 -9.06 7.57 19.53
C GLU A 337 -7.94 6.63 19.03
N ASN A 338 -8.31 5.49 18.41
CA ASN A 338 -7.31 4.59 17.86
C ASN A 338 -6.56 5.23 16.70
N ALA A 339 -7.26 6.01 15.86
CA ALA A 339 -6.60 6.67 14.73
C ALA A 339 -5.53 7.65 15.21
N GLN A 340 -5.82 8.40 16.28
CA GLN A 340 -4.87 9.39 16.81
C GLN A 340 -3.64 8.76 17.44
N LYS A 341 -3.78 7.52 17.95
CA LYS A 341 -2.66 6.76 18.50
C LYS A 341 -1.82 6.10 17.41
N GLY A 342 -2.39 5.95 16.21
CA GLY A 342 -1.67 5.39 15.08
C GLY A 342 -1.11 6.47 14.17
N GLU A 343 -0.92 6.13 12.91
CA GLU A 343 -0.39 7.09 11.95
C GLU A 343 -1.11 6.98 10.63
N ILE A 344 -1.28 8.12 9.94
CA ILE A 344 -1.86 8.11 8.59
C ILE A 344 -0.87 7.40 7.67
N MET A 345 -1.34 6.44 6.84
CA MET A 345 -0.41 5.72 5.98
C MET A 345 0.28 6.65 5.01
N PRO A 346 1.54 6.35 4.67
CA PRO A 346 2.15 7.05 3.54
C PRO A 346 1.41 6.65 2.24
N ASN A 347 1.58 7.45 1.20
CA ASN A 347 1.02 7.11 -0.11
C ASN A 347 2.13 6.90 -1.15
N ILE A 348 3.39 6.81 -0.72
CA ILE A 348 4.52 6.62 -1.63
C ILE A 348 4.35 5.32 -2.44
N PRO A 349 4.84 5.31 -3.68
CA PRO A 349 4.63 4.14 -4.54
C PRO A 349 5.13 2.82 -3.96
N GLN A 350 6.09 2.88 -3.03
CA GLN A 350 6.66 1.66 -2.45
C GLN A 350 5.75 1.02 -1.39
N MET A 351 4.58 1.63 -1.07
CA MET A 351 3.70 1.03 -0.05
C MET A 351 3.23 -0.37 -0.44
N SER A 352 2.96 -0.64 -1.72
CA SER A 352 2.52 -1.96 -2.17
C SER A 352 3.58 -3.02 -1.84
N ALA A 353 4.87 -2.66 -2.07
CA ALA A 353 5.98 -3.57 -1.79
C ALA A 353 6.14 -3.82 -0.31
N PHE A 354 5.99 -2.76 0.51
CA PHE A 354 6.05 -2.87 1.97
C PHE A 354 4.92 -3.84 2.43
N TRP A 355 3.69 -3.62 1.93
CA TRP A 355 2.59 -4.49 2.36
C TRP A 355 2.80 -5.94 1.95
N TYR A 356 3.30 -6.20 0.74
CA TYR A 356 3.50 -7.59 0.33
C TYR A 356 4.58 -8.24 1.21
N ALA A 357 5.63 -7.49 1.51
CA ALA A 357 6.74 -7.98 2.30
C ALA A 357 6.26 -8.31 3.73
N VAL A 358 5.48 -7.40 4.36
CA VAL A 358 5.00 -7.66 5.72
C VAL A 358 3.94 -8.75 5.73
N ARG A 359 3.08 -8.81 4.69
CA ARG A 359 2.10 -9.89 4.59
C ARG A 359 2.78 -11.28 4.63
N THR A 360 3.83 -11.45 3.80
CA THR A 360 4.57 -12.69 3.76
C THR A 360 5.25 -12.95 5.08
N ALA A 361 5.83 -11.91 5.71
CA ALA A 361 6.51 -12.10 6.99
C ALA A 361 5.56 -12.61 8.09
N VAL A 362 4.36 -12.01 8.18
CA VAL A 362 3.44 -12.42 9.23
C VAL A 362 2.95 -13.83 8.98
N ILE A 363 2.59 -14.13 7.73
CA ILE A 363 2.10 -15.48 7.40
C ILE A 363 3.18 -16.53 7.67
N ASN A 364 4.42 -16.25 7.28
CA ASN A 364 5.50 -17.22 7.48
C ASN A 364 5.90 -17.40 8.93
N ALA A 365 5.90 -16.31 9.71
CA ALA A 365 6.25 -16.43 11.13
C ALA A 365 5.13 -17.17 11.88
N ALA A 366 3.88 -16.86 11.54
CA ALA A 366 2.73 -17.46 12.22
C ALA A 366 2.63 -18.96 11.94
N SER A 367 2.99 -19.39 10.71
CA SER A 367 2.92 -20.80 10.32
C SER A 367 4.15 -21.61 10.78
N GLY A 368 5.23 -20.93 11.12
CA GLY A 368 6.48 -21.59 11.50
C GLY A 368 7.39 -21.83 10.30
N ARG A 369 7.01 -21.34 9.10
CA ARG A 369 7.84 -21.50 7.89
C ARG A 369 9.17 -20.74 8.04
N GLN A 370 9.14 -19.62 8.75
CA GLN A 370 10.33 -18.84 9.06
C GLN A 370 10.27 -18.44 10.54
N THR A 371 11.44 -18.22 11.15
CA THR A 371 11.45 -17.65 12.49
C THR A 371 11.05 -16.16 12.34
N VAL A 372 10.74 -15.47 13.45
CA VAL A 372 10.43 -14.02 13.39
C VAL A 372 11.66 -13.26 12.80
N ASP A 373 12.88 -13.62 13.23
CA ASP A 373 14.08 -12.94 12.70
C ASP A 373 14.23 -13.14 11.19
N GLU A 374 14.05 -14.38 10.70
CA GLU A 374 14.15 -14.64 9.28
C GLU A 374 13.05 -13.90 8.52
N ALA A 375 11.83 -13.93 9.07
CA ALA A 375 10.69 -13.34 8.39
C ALA A 375 10.84 -11.84 8.23
N LEU A 376 11.22 -11.15 9.32
CA LEU A 376 11.35 -9.70 9.26
C LEU A 376 12.59 -9.25 8.52
N LYS A 377 13.66 -10.07 8.47
CA LYS A 377 14.84 -9.72 7.67
C LYS A 377 14.41 -9.67 6.20
N ASP A 378 13.66 -10.69 5.74
CA ASP A 378 13.18 -10.68 4.35
C ASP A 378 12.25 -9.50 4.09
N ALA A 379 11.39 -9.18 5.08
CA ALA A 379 10.47 -8.06 4.89
C ALA A 379 11.25 -6.74 4.76
N GLN A 380 12.34 -6.58 5.53
CA GLN A 380 13.18 -5.38 5.48
C GLN A 380 13.84 -5.32 4.10
N THR A 381 14.38 -6.45 3.59
CA THR A 381 14.96 -6.45 2.24
C THR A 381 13.93 -6.08 1.17
N GLY A 382 12.74 -6.64 1.26
CA GLY A 382 11.70 -6.37 0.27
C GLY A 382 11.24 -4.92 0.31
N SER A 383 11.12 -4.36 1.52
CA SER A 383 10.68 -2.98 1.71
C SER A 383 11.69 -1.95 1.24
N GLU A 384 12.97 -2.26 1.36
CA GLU A 384 14.06 -1.36 0.96
C GLU A 384 14.46 -1.52 -0.51
N LEU A 385 13.96 -2.55 -1.20
CA LEU A 385 14.43 -2.96 -2.52
C LEU A 385 14.39 -1.87 -3.58
N TYR A 386 13.27 -1.15 -3.69
CA TYR A 386 13.15 -0.10 -4.69
C TYR A 386 14.21 0.99 -4.48
N ARG A 387 14.27 1.54 -3.26
CA ARG A 387 15.20 2.65 -3.00
C ARG A 387 16.64 2.24 -3.17
N GLN A 388 16.99 1.05 -2.70
CA GLN A 388 18.36 0.58 -2.84
C GLN A 388 18.73 0.37 -4.31
N SER A 389 17.80 -0.19 -5.09
CA SER A 389 18.06 -0.47 -6.50
C SER A 389 18.18 0.86 -7.26
N LEU A 390 17.32 1.84 -6.93
CA LEU A 390 17.36 3.13 -7.63
C LEU A 390 18.65 3.85 -7.31
N GLU A 391 19.12 3.81 -6.07
CA GLU A 391 20.38 4.45 -5.70
C GLU A 391 21.54 3.94 -6.58
N ILE A 392 21.66 2.61 -6.74
CA ILE A 392 22.74 2.05 -7.53
C ILE A 392 22.56 2.38 -9.03
N ILE A 393 21.35 2.13 -9.54
CA ILE A 393 21.07 2.26 -10.97
C ILE A 393 21.14 3.70 -11.43
N SER A 394 20.55 4.61 -10.66
CA SER A 394 20.62 6.05 -10.97
C SER A 394 22.08 6.54 -10.96
N ARG A 395 22.86 6.19 -9.91
CA ARG A 395 24.26 6.62 -9.87
C ARG A 395 25.06 6.10 -11.05
N TYR A 396 24.88 4.81 -11.40
CA TYR A 396 25.63 4.25 -12.52
C TYR A 396 25.27 4.93 -13.85
N LEU A 397 23.98 5.10 -14.11
CA LEU A 397 23.57 5.74 -15.39
C LEU A 397 24.09 7.16 -15.47
N ARG A 398 24.00 7.92 -14.37
CA ARG A 398 24.43 9.33 -14.42
C ARG A 398 25.93 9.50 -14.51
N GLU A 399 26.71 8.72 -13.74
CA GLU A 399 28.18 8.84 -13.83
C GLU A 399 28.69 8.34 -15.20
N GLN A 400 28.02 7.34 -15.79
CA GLN A 400 28.39 6.85 -17.11
C GLN A 400 28.13 7.93 -18.16
N ALA A 401 27.02 8.64 -18.03
CA ALA A 401 26.67 9.69 -18.99
C ALA A 401 27.58 10.90 -18.92
N THR A 402 27.94 11.32 -17.70
CA THR A 402 28.69 12.57 -17.50
C THR A 402 30.18 12.43 -17.28
N GLY A 403 30.62 11.24 -16.95
CA GLY A 403 32.03 11.00 -16.66
C GLY A 403 32.43 11.40 -15.25
N ALA A 404 31.48 11.77 -14.40
CA ALA A 404 31.80 12.16 -13.03
C ALA A 404 30.76 11.56 -12.09
N ALA A 405 31.22 11.09 -10.94
CA ALA A 405 30.34 10.44 -9.96
C ALA A 405 29.55 11.42 -9.10
N ASP A 406 28.46 10.92 -8.48
CA ASP A 406 27.64 11.71 -7.59
C ASP A 406 28.39 11.89 -6.25
N THR A 407 28.49 13.13 -5.74
CA THR A 407 29.20 13.37 -4.47
C THR A 407 28.31 13.14 -3.22
N ALA A 408 26.99 12.99 -3.41
CA ALA A 408 26.08 12.78 -2.27
C ALA A 408 26.43 11.53 -1.51
N PRO A 409 26.30 11.57 -0.17
CA PRO A 409 26.58 10.37 0.64
C PRO A 409 25.65 9.22 0.24
N MET A 410 26.11 7.98 0.41
CA MET A 410 25.32 6.81 0.07
C MET A 410 24.04 6.64 0.89
N GLY A 411 24.09 7.08 2.14
CA GLY A 411 22.94 6.97 3.04
C GLY A 411 22.84 5.62 3.71
N ALA A 412 21.62 5.26 4.16
CA ALA A 412 21.35 3.97 4.82
C ALA A 412 21.75 2.80 3.91
N SER A 413 22.33 1.73 4.50
CA SER A 413 22.88 0.57 3.78
C SER A 413 23.91 1.02 2.73
N GLY A 414 24.70 2.02 3.10
CA GLY A 414 25.68 2.66 2.24
C GLY A 414 26.79 1.75 1.78
N ALA A 415 27.16 0.78 2.63
CA ALA A 415 28.22 -0.15 2.28
C ALA A 415 27.71 -1.05 1.16
N THR A 416 26.43 -1.49 1.23
CA THR A 416 25.87 -2.32 0.16
C THR A 416 25.81 -1.53 -1.14
N SER A 417 25.30 -0.30 -1.08
CA SER A 417 25.20 0.54 -2.27
C SER A 417 26.55 0.80 -2.91
N ARG A 418 27.56 1.13 -2.08
CA ARG A 418 28.90 1.40 -2.58
C ARG A 418 29.52 0.16 -3.22
N LYS A 419 29.41 -1.01 -2.57
CA LYS A 419 29.98 -2.24 -3.10
C LYS A 419 29.24 -2.71 -4.36
N ALA A 420 27.91 -2.50 -4.41
CA ALA A 420 27.16 -2.89 -5.59
C ALA A 420 27.53 -1.99 -6.76
N LEU A 421 27.72 -0.68 -6.50
CA LEU A 421 28.12 0.24 -7.57
C LEU A 421 29.51 -0.12 -8.09
N GLU A 422 30.44 -0.47 -7.16
CA GLU A 422 31.78 -0.87 -7.60
C GLU A 422 31.75 -2.12 -8.46
N THR A 423 30.89 -3.09 -8.10
CA THR A 423 30.75 -4.32 -8.85
C THR A 423 30.12 -4.04 -10.23
N LEU A 424 29.09 -3.18 -10.24
CA LEU A 424 28.36 -2.83 -11.47
C LEU A 424 29.27 -2.11 -12.43
N ARG A 425 30.19 -1.26 -11.94
CA ARG A 425 31.17 -0.58 -12.80
C ARG A 425 32.04 -1.62 -13.49
N ARG A 426 32.56 -2.62 -12.76
CA ARG A 426 33.40 -3.64 -13.40
C ARG A 426 32.62 -4.47 -14.41
N VAL A 427 31.50 -5.07 -13.98
CA VAL A 427 30.77 -6.00 -14.85
C VAL A 427 30.01 -5.29 -15.95
N GLY A 428 29.38 -4.17 -15.63
CA GLY A 428 28.60 -3.35 -16.57
C GLY A 428 29.48 -2.73 -17.63
N ASP A 429 30.67 -2.26 -17.23
CA ASP A 429 31.60 -1.70 -18.23
C ASP A 429 32.02 -2.79 -19.23
N GLY A 430 32.22 -4.02 -18.75
CA GLY A 430 32.59 -5.13 -19.60
C GLY A 430 31.50 -5.47 -20.59
N VAL A 431 30.23 -5.46 -20.12
CA VAL A 431 29.11 -5.72 -21.02
C VAL A 431 29.04 -4.68 -22.13
N GLN A 432 29.13 -3.39 -21.78
CA GLN A 432 29.06 -2.34 -22.79
C GLN A 432 30.24 -2.41 -23.76
N ARG A 433 31.42 -2.81 -23.27
CA ARG A 433 32.60 -2.90 -24.14
C ARG A 433 32.45 -4.07 -25.10
N ASN A 434 32.21 -5.28 -24.57
CA ASN A 434 32.12 -6.48 -25.40
C ASN A 434 30.92 -6.47 -26.33
N HIS A 435 29.80 -5.92 -25.87
CA HIS A 435 28.58 -5.91 -26.66
C HIS A 435 28.28 -4.57 -27.30
N GLU A 436 29.31 -3.75 -27.56
CA GLU A 436 29.11 -2.45 -28.17
C GLU A 436 28.40 -2.55 -29.52
N THR A 437 28.68 -3.60 -30.30
CA THR A 437 28.06 -3.76 -31.62
C THR A 437 26.54 -3.83 -31.54
N ALA A 438 26.01 -4.75 -30.74
CA ALA A 438 24.55 -4.90 -30.63
C ALA A 438 23.92 -3.70 -29.90
N PHE A 439 24.61 -3.16 -28.90
CA PHE A 439 24.11 -2.00 -28.15
C PHE A 439 23.96 -0.80 -29.09
N GLN A 440 24.97 -0.56 -29.91
CA GLN A 440 24.95 0.56 -30.87
C GLN A 440 23.85 0.32 -31.91
N GLY A 441 23.74 -0.91 -32.40
CA GLY A 441 22.71 -1.26 -33.38
C GLY A 441 21.30 -1.06 -32.84
N MET A 442 21.08 -1.40 -31.57
CA MET A 442 19.77 -1.26 -30.93
C MET A 442 19.48 0.21 -30.66
N LEU A 443 20.49 0.96 -30.19
CA LEU A 443 20.34 2.38 -29.92
C LEU A 443 19.92 3.15 -31.19
N ARG A 444 20.53 2.80 -32.34
CA ARG A 444 20.21 3.42 -33.63
C ARG A 444 18.81 3.05 -34.11
N LYS A 445 18.40 1.79 -33.93
CA LYS A 445 17.07 1.33 -34.30
C LYS A 445 16.00 2.04 -33.45
N LEU A 446 16.30 2.30 -32.16
CA LEU A 446 15.35 2.98 -31.29
C LEU A 446 15.21 4.48 -31.61
N ASP A 447 16.21 5.10 -32.27
CA ASP A 447 16.20 6.52 -32.66
C ASP A 447 15.67 7.44 -31.55
N ILE A 448 16.36 7.43 -30.41
CA ILE A 448 15.95 8.19 -29.25
C ILE A 448 16.32 9.66 -29.39
N LYS A 449 15.31 10.52 -29.42
CA LYS A 449 15.51 11.95 -29.57
C LYS A 449 14.95 12.75 -28.39
N ASN A 450 13.98 12.21 -27.66
CA ASN A 450 13.31 12.94 -26.59
C ASN A 450 12.65 12.02 -25.52
N GLU A 451 11.92 12.63 -24.55
CA GLU A 451 11.20 11.93 -23.48
C GLU A 451 10.24 10.86 -23.99
N ASP A 452 9.51 11.16 -25.08
CA ASP A 452 8.56 10.20 -25.67
C ASP A 452 9.29 8.99 -26.23
N ASP A 453 10.47 9.19 -26.84
CA ASP A 453 11.26 8.09 -27.37
C ASP A 453 11.81 7.20 -26.25
N VAL A 454 12.13 7.80 -25.08
CA VAL A 454 12.60 7.06 -23.90
C VAL A 454 11.46 6.21 -23.33
N LYS A 455 10.22 6.75 -23.32
CA LYS A 455 9.03 6.02 -22.88
C LYS A 455 8.76 4.83 -23.79
N SER A 456 8.97 4.98 -25.10
CA SER A 456 8.78 3.91 -26.08
C SER A 456 9.83 2.81 -25.86
N LEU A 457 11.08 3.21 -25.58
CA LEU A 457 12.18 2.30 -25.28
C LEU A 457 11.83 1.46 -24.05
N SER A 458 11.30 2.13 -23.01
CA SER A 458 10.92 1.49 -21.75
C SER A 458 9.88 0.38 -21.92
N ARG A 459 8.92 0.55 -22.84
CA ARG A 459 7.89 -0.47 -23.05
C ARG A 459 8.48 -1.74 -23.66
N VAL A 460 9.42 -1.60 -24.60
CA VAL A 460 10.07 -2.75 -25.24
C VAL A 460 10.95 -3.48 -24.23
N MET A 461 11.72 -2.71 -23.48
CA MET A 461 12.64 -3.16 -22.45
C MET A 461 11.96 -4.07 -21.42
N ILE A 462 10.74 -3.73 -20.99
CA ILE A 462 9.99 -4.52 -20.02
C ILE A 462 9.77 -5.97 -20.46
N HIS A 463 9.25 -6.19 -21.67
CA HIS A 463 8.96 -7.55 -22.13
C HIS A 463 10.24 -8.35 -22.45
N VAL A 464 11.27 -7.70 -23.01
CA VAL A 464 12.51 -8.39 -23.32
C VAL A 464 13.18 -8.87 -22.04
N PHE A 465 13.20 -8.00 -21.02
CA PHE A 465 13.79 -8.38 -19.74
C PHE A 465 12.97 -9.48 -19.01
N SER A 466 11.67 -9.25 -18.83
CA SER A 466 10.79 -10.16 -18.06
C SER A 466 10.68 -11.60 -18.58
N ASP A 467 10.62 -11.77 -19.90
CA ASP A 467 10.42 -13.08 -20.49
C ASP A 467 11.67 -13.98 -20.49
N GLY A 468 12.85 -13.39 -20.39
CA GLY A 468 14.08 -14.16 -20.35
C GLY A 468 14.37 -14.72 -18.97
N VAL A 469 15.48 -15.46 -18.84
CA VAL A 469 15.94 -16.12 -17.61
C VAL A 469 16.26 -15.09 -16.50
N THR A 470 16.02 -15.45 -15.23
CA THR A 470 16.33 -14.55 -14.13
C THR A 470 17.69 -14.86 -13.57
N ASN A 471 18.63 -13.96 -13.80
CA ASN A 471 19.97 -14.10 -13.25
C ASN A 471 20.66 -12.73 -13.20
N TRP A 472 21.76 -12.62 -12.44
CA TRP A 472 22.44 -11.34 -12.32
C TRP A 472 23.03 -10.85 -13.63
N GLY A 473 23.45 -11.77 -14.50
CA GLY A 473 24.02 -11.39 -15.80
C GLY A 473 23.02 -10.66 -16.69
N ARG A 474 21.77 -11.14 -16.73
CA ARG A 474 20.72 -10.45 -17.48
C ARG A 474 20.32 -9.12 -16.80
N ILE A 475 20.33 -9.08 -15.45
CA ILE A 475 20.07 -7.84 -14.73
C ILE A 475 21.14 -6.79 -15.06
N VAL A 476 22.41 -7.19 -15.10
CA VAL A 476 23.50 -6.27 -15.47
C VAL A 476 23.33 -5.81 -16.90
N THR A 477 22.87 -6.69 -17.81
CA THR A 477 22.69 -6.28 -19.21
C THR A 477 21.62 -5.22 -19.33
N LEU A 478 20.51 -5.41 -18.61
CA LEU A 478 19.43 -4.42 -18.59
C LEU A 478 19.97 -3.05 -18.16
N ILE A 479 20.70 -3.03 -17.03
CA ILE A 479 21.22 -1.79 -16.50
C ILE A 479 22.31 -1.19 -17.39
N SER A 480 23.19 -2.02 -17.95
CA SER A 480 24.28 -1.60 -18.85
C SER A 480 23.71 -0.95 -20.10
N PHE A 481 22.64 -1.54 -20.67
CA PHE A 481 22.02 -0.91 -21.83
C PHE A 481 21.45 0.47 -21.45
N GLY A 482 20.89 0.57 -20.23
CA GLY A 482 20.43 1.84 -19.70
C GLY A 482 21.56 2.86 -19.63
N ALA A 483 22.76 2.45 -19.18
CA ALA A 483 23.90 3.35 -19.13
C ALA A 483 24.32 3.77 -20.53
N PHE A 484 24.27 2.85 -21.49
CA PHE A 484 24.64 3.12 -22.89
C PHE A 484 23.65 4.18 -23.46
N VAL A 485 22.37 4.04 -23.16
CA VAL A 485 21.37 5.01 -23.60
C VAL A 485 21.58 6.35 -22.89
N ALA A 486 21.91 6.31 -21.60
CA ALA A 486 22.16 7.53 -20.83
C ALA A 486 23.30 8.34 -21.43
N LYS A 487 24.36 7.66 -21.94
CA LYS A 487 25.49 8.36 -22.57
C LYS A 487 24.99 9.12 -23.79
N HIS A 488 24.13 8.46 -24.59
CA HIS A 488 23.55 9.06 -25.79
C HIS A 488 22.67 10.25 -25.40
N LEU A 489 21.81 10.10 -24.37
CA LEU A 489 20.96 11.18 -23.89
C LEU A 489 21.75 12.41 -23.49
N LYS A 490 22.92 12.22 -22.86
CA LYS A 490 23.78 13.33 -22.48
C LYS A 490 24.28 14.05 -23.75
N THR A 491 24.75 13.29 -24.74
CA THR A 491 25.28 13.85 -26.00
C THR A 491 24.27 14.71 -26.74
N ILE A 492 22.99 14.32 -26.72
CA ILE A 492 21.96 15.11 -27.43
C ILE A 492 21.24 16.10 -26.53
N ASN A 493 21.86 16.50 -25.41
CA ASN A 493 21.31 17.51 -24.50
C ASN A 493 19.95 17.12 -23.95
N GLN A 494 19.76 15.83 -23.65
CA GLN A 494 18.52 15.34 -23.04
C GLN A 494 18.84 14.67 -21.70
N GLU A 495 19.73 15.28 -20.90
CA GLU A 495 20.16 14.77 -19.59
C GLU A 495 18.99 14.64 -18.61
N SER A 496 17.92 15.46 -18.76
CA SER A 496 16.73 15.35 -17.93
C SER A 496 15.97 14.03 -18.11
N CYS A 497 16.27 13.27 -19.20
CA CYS A 497 15.63 11.97 -19.48
C CYS A 497 16.32 10.82 -18.72
N ILE A 498 17.53 11.03 -18.18
CA ILE A 498 18.28 9.97 -17.52
C ILE A 498 17.64 9.48 -16.22
N GLU A 499 17.24 10.39 -15.32
CA GLU A 499 16.60 9.95 -14.06
C GLU A 499 15.31 9.17 -14.32
N PRO A 500 14.40 9.62 -15.20
CA PRO A 500 13.22 8.80 -15.51
C PRO A 500 13.57 7.43 -16.11
N LEU A 501 14.64 7.34 -16.92
CA LEU A 501 15.08 6.06 -17.47
C LEU A 501 15.57 5.15 -16.33
N ALA A 502 16.33 5.73 -15.38
CA ALA A 502 16.80 4.96 -14.21
C ALA A 502 15.61 4.45 -13.38
N GLU A 503 14.59 5.29 -13.20
CA GLU A 503 13.39 4.89 -12.48
C GLU A 503 12.64 3.78 -13.22
N SER A 504 12.58 3.86 -14.55
CA SER A 504 11.91 2.84 -15.36
C SER A 504 12.59 1.46 -15.25
N ILE A 505 13.92 1.46 -15.34
CA ILE A 505 14.71 0.24 -15.21
C ILE A 505 14.55 -0.32 -13.79
N THR A 506 14.59 0.54 -12.77
CA THR A 506 14.40 0.08 -11.38
C THR A 506 13.02 -0.56 -11.20
N ASP A 507 11.97 0.10 -11.75
CA ASP A 507 10.58 -0.38 -11.69
C ASP A 507 10.44 -1.80 -12.18
N VAL A 508 10.89 -2.09 -13.40
CA VAL A 508 10.71 -3.39 -13.98
C VAL A 508 11.57 -4.44 -13.29
N LEU A 509 12.77 -4.05 -12.83
CA LEU A 509 13.60 -5.00 -12.09
C LEU A 509 12.93 -5.44 -10.79
N VAL A 510 12.59 -4.49 -9.91
CA VAL A 510 12.05 -4.83 -8.59
C VAL A 510 10.64 -5.35 -8.64
N ARG A 511 9.86 -5.00 -9.66
CA ARG A 511 8.51 -5.51 -9.79
C ARG A 511 8.51 -6.94 -10.33
N THR A 512 9.15 -7.19 -11.47
CA THR A 512 9.11 -8.51 -12.09
C THR A 512 9.95 -9.57 -11.41
N LYS A 513 11.03 -9.15 -10.73
CA LYS A 513 11.95 -10.10 -10.09
C LYS A 513 11.99 -10.03 -8.57
N ARG A 514 10.98 -9.39 -7.97
CA ARG A 514 10.85 -9.24 -6.52
C ARG A 514 11.25 -10.48 -5.68
N ASP A 515 10.57 -11.63 -5.88
CA ASP A 515 10.83 -12.81 -5.06
C ASP A 515 12.23 -13.31 -5.18
N TRP A 516 12.75 -13.35 -6.41
CA TRP A 516 14.12 -13.82 -6.64
C TRP A 516 15.11 -12.88 -5.98
N LEU A 517 14.89 -11.55 -6.12
CA LEU A 517 15.80 -10.57 -5.52
C LEU A 517 15.84 -10.74 -4.00
N VAL A 518 14.67 -10.94 -3.36
CA VAL A 518 14.64 -11.13 -1.92
C VAL A 518 15.38 -12.41 -1.51
N LYS A 519 15.21 -13.48 -2.30
CA LYS A 519 15.88 -14.77 -2.09
C LYS A 519 17.40 -14.64 -2.19
N GLN A 520 17.91 -13.69 -3.02
CA GLN A 520 19.36 -13.49 -3.12
C GLN A 520 19.93 -12.55 -2.06
N ARG A 521 19.10 -12.08 -1.11
CA ARG A 521 19.50 -11.05 -0.16
C ARG A 521 19.77 -9.74 -0.90
N GLY A 522 18.99 -9.49 -1.94
CA GLY A 522 19.07 -8.27 -2.74
C GLY A 522 20.44 -8.01 -3.31
N TRP A 523 20.86 -6.73 -3.23
CA TRP A 523 22.14 -6.32 -3.80
C TRP A 523 23.35 -6.93 -3.09
N ASP A 524 23.18 -7.43 -1.85
CA ASP A 524 24.30 -8.14 -1.20
C ASP A 524 24.61 -9.45 -1.98
N GLY A 525 23.58 -10.07 -2.54
CA GLY A 525 23.76 -11.27 -3.34
C GLY A 525 24.53 -10.97 -4.61
N PHE A 526 24.26 -9.79 -5.19
CA PHE A 526 24.92 -9.37 -6.44
C PHE A 526 26.42 -9.20 -6.21
N VAL A 527 26.76 -8.51 -5.10
CA VAL A 527 28.17 -8.31 -4.73
C VAL A 527 28.87 -9.65 -4.51
N GLU A 528 28.22 -10.58 -3.80
CA GLU A 528 28.77 -11.91 -3.56
C GLU A 528 28.96 -12.71 -4.87
N PHE A 529 27.97 -12.64 -5.78
CA PHE A 529 28.00 -13.38 -7.04
C PHE A 529 29.19 -13.01 -7.91
N PHE A 530 29.51 -11.73 -7.96
CA PHE A 530 30.62 -11.25 -8.79
C PHE A 530 31.89 -10.92 -8.01
N HIS A 531 32.05 -11.49 -6.81
CA HIS A 531 33.25 -11.21 -5.99
C HIS A 531 34.57 -11.60 -6.68
#